data_9QD9
#
_entry.id   9QD9
#
_cell.length_a   48.938
_cell.length_b   48.938
_cell.length_c   195.364
_cell.angle_alpha   90
_cell.angle_beta   90
_cell.angle_gamma   120
#
_symmetry.space_group_name_H-M   'P 32 2 1'
#
loop_
_entity.id
_entity.type
_entity.pdbx_description
1 polymer 'Peptidyl-prolyl cis-trans isomerase FKBP5'
2 non-polymer (2~{S},9~{S},12~{S})-2-cyclohexyl-20,23-dimethoxy-12-methyl-11,14,18-trioxa-4-azatricyclo[17.2.2.0^{4,9}]tricosa-1(22),19(23),20-triene-3,10-dione
3 water water
#
_entity_poly.entity_id   1
_entity_poly.type   'polypeptide(L)'
_entity_poly.pdbx_seq_one_letter_code
;GAPATVTEQGEDITSKKDRGVLKIVKRVGNGEETPMIGDKVYVHYKGKLSNGKKFDSSHDRNEPFVFSLGKGQVIKAWDI
GVATMKKGEIAHLLIKPEYAYGSAGSLPKIPSNATLFFEIELLDFKGE
;
_entity_poly.pdbx_strand_id   B,A
#
loop_
_chem_comp.id
_chem_comp.type
_chem_comp.name
_chem_comp.formula
A1I54 non-polymer (2~{S},9~{S},12~{S})-2-cyclohexyl-20,23-dimethoxy-12-methyl-11,14,18-trioxa-4-azatricyclo[17.2.2.0^{4,9}]tricosa-1(22),19(23),20-triene-3,10-dione 'C28 H41 N O7'
#
# COMPACT_ATOMS: atom_id res chain seq x y z
N GLY A 1 2.91 22.01 -14.73
CA GLY A 1 4.26 21.46 -14.99
C GLY A 1 4.20 19.97 -15.26
N ALA A 2 5.24 19.26 -14.84
CA ALA A 2 5.52 17.95 -15.38
C ALA A 2 4.33 17.00 -15.15
N PRO A 3 3.75 16.87 -13.94
CA PRO A 3 2.60 15.97 -13.76
C PRO A 3 1.43 16.25 -14.71
N ALA A 4 1.08 17.54 -14.87
CA ALA A 4 -0.02 17.93 -15.74
C ALA A 4 0.32 17.57 -17.20
N THR A 5 1.58 17.72 -17.58
CA THR A 5 1.97 17.49 -18.95
C THR A 5 1.79 16.00 -19.22
N VAL A 6 2.08 15.17 -18.21
CA VAL A 6 1.91 13.73 -18.41
C VAL A 6 0.44 13.41 -18.52
N THR A 7 -0.41 14.07 -17.70
CA THR A 7 -1.86 13.87 -17.78
C THR A 7 -2.33 14.14 -19.21
N GLU A 8 -1.84 15.24 -19.77
CA GLU A 8 -2.35 15.69 -21.05
C GLU A 8 -1.74 14.90 -22.22
N GLN A 9 -0.48 14.49 -22.12
CA GLN A 9 0.28 14.09 -23.29
C GLN A 9 0.86 12.69 -23.17
N GLY A 10 0.73 12.08 -21.99
CA GLY A 10 1.49 10.85 -21.83
C GLY A 10 0.76 9.69 -22.48
N GLU A 11 1.52 8.64 -22.79
CA GLU A 11 0.99 7.40 -23.34
C GLU A 11 0.52 6.49 -22.21
N ASP A 12 -0.64 5.86 -22.37
CA ASP A 12 -1.12 4.87 -21.40
C ASP A 12 -0.40 3.55 -21.66
N ILE A 13 0.50 3.17 -20.74
CA ILE A 13 1.22 1.90 -20.92
C ILE A 13 0.61 0.74 -20.13
N THR A 14 -0.62 0.87 -19.62
CA THR A 14 -1.31 -0.23 -18.92
C THR A 14 -1.92 -1.23 -19.93
N SER A 15 -1.95 -2.53 -19.55
CA SER A 15 -2.62 -3.57 -20.33
C SER A 15 -4.10 -3.30 -20.41
N LYS A 16 -4.67 -2.90 -19.29
CA LYS A 16 -6.10 -2.61 -19.20
C LYS A 16 -6.51 -1.32 -19.90
N LYS A 17 -5.55 -0.47 -20.24
CA LYS A 17 -5.84 0.83 -20.86
C LYS A 17 -6.80 1.62 -19.96
N ASP A 18 -6.45 1.65 -18.66
CA ASP A 18 -7.20 2.40 -17.66
C ASP A 18 -6.49 3.70 -17.26
N ARG A 19 -5.49 4.13 -18.04
CA ARG A 19 -4.68 5.33 -17.77
C ARG A 19 -4.07 5.33 -16.37
N GLY A 20 -3.87 4.13 -15.81
CA GLY A 20 -3.31 4.00 -14.47
C GLY A 20 -1.81 4.36 -14.41
N VAL A 21 -1.14 4.20 -15.54
CA VAL A 21 0.27 4.50 -15.71
C VAL A 21 0.42 5.23 -17.04
N LEU A 22 0.83 6.51 -16.95
CA LEU A 22 1.05 7.35 -18.12
C LEU A 22 2.52 7.70 -18.21
N LYS A 23 3.11 7.64 -19.44
CA LYS A 23 4.51 7.89 -19.68
C LYS A 23 4.78 8.93 -20.76
N ILE A 24 5.78 9.78 -20.51
CA ILE A 24 6.47 10.51 -21.58
C ILE A 24 7.94 10.16 -21.52
N VAL A 25 8.51 9.93 -22.71
CA VAL A 25 9.95 9.80 -22.82
C VAL A 25 10.51 11.22 -22.85
N LYS A 26 11.42 11.51 -21.92
CA LYS A 26 12.02 12.83 -21.87
C LYS A 26 13.37 12.85 -22.59
N ARG A 27 14.17 11.79 -22.42
CA ARG A 27 15.42 11.66 -23.15
C ARG A 27 15.55 10.23 -23.67
N VAL A 28 15.90 10.08 -24.95
CA VAL A 28 15.92 8.78 -25.59
C VAL A 28 17.16 8.01 -25.18
N GLY A 29 16.97 6.69 -24.96
CA GLY A 29 18.02 5.74 -24.63
C GLY A 29 18.57 5.02 -25.88
N ASN A 30 19.46 4.05 -25.64
CA ASN A 30 20.24 3.42 -26.70
C ASN A 30 19.83 1.97 -26.90
N GLY A 31 19.79 1.56 -28.17
CA GLY A 31 19.46 0.20 -28.52
C GLY A 31 17.94 0.01 -28.56
N GLU A 32 17.55 -1.21 -28.96
CA GLU A 32 16.16 -1.57 -29.14
C GLU A 32 15.67 -2.44 -27.97
N GLU A 33 16.60 -2.92 -27.12
CA GLU A 33 16.29 -3.88 -26.06
C GLU A 33 15.78 -3.18 -24.79
N THR A 34 14.64 -3.67 -24.30
CA THR A 34 14.14 -3.32 -22.97
C THR A 34 14.29 -4.53 -22.07
N PRO A 35 14.28 -4.32 -20.74
CA PRO A 35 14.51 -5.44 -19.84
C PRO A 35 13.36 -6.45 -19.85
N MET A 36 13.76 -7.70 -19.59
CA MET A 36 12.85 -8.82 -19.44
C MET A 36 12.54 -8.91 -17.95
N ILE A 37 11.35 -9.42 -17.62
CA ILE A 37 11.04 -9.76 -16.25
C ILE A 37 12.17 -10.62 -15.71
N GLY A 38 12.60 -10.29 -14.49
CA GLY A 38 13.65 -11.01 -13.78
C GLY A 38 15.02 -10.35 -13.91
N ASP A 39 15.17 -9.41 -14.86
CA ASP A 39 16.43 -8.69 -15.02
C ASP A 39 16.68 -7.84 -13.77
N LYS A 40 17.95 -7.71 -13.37
CA LYS A 40 18.36 -6.81 -12.31
C LYS A 40 18.51 -5.43 -12.94
N VAL A 41 17.85 -4.41 -12.36
CA VAL A 41 17.74 -3.12 -13.04
C VAL A 41 18.27 -2.00 -12.15
N TYR A 42 18.93 -1.02 -12.80
CA TYR A 42 19.63 0.05 -12.10
C TYR A 42 19.11 1.41 -12.59
N VAL A 43 18.60 2.24 -11.67
CA VAL A 43 18.00 3.52 -12.03
C VAL A 43 18.46 4.62 -11.05
N HIS A 44 18.32 5.87 -11.53
CA HIS A 44 18.20 7.05 -10.69
C HIS A 44 16.78 7.59 -10.86
N TYR A 45 16.21 8.15 -9.77
CA TYR A 45 14.84 8.64 -9.81
C TYR A 45 14.66 9.82 -8.88
N LYS A 46 13.64 10.60 -9.22
CA LYS A 46 13.11 11.70 -8.44
C LYS A 46 11.60 11.46 -8.44
N GLY A 47 11.01 11.43 -7.25
CA GLY A 47 9.60 11.16 -7.13
C GLY A 47 8.93 12.19 -6.25
N LYS A 48 7.61 12.19 -6.31
CA LYS A 48 6.83 13.06 -5.44
C LYS A 48 5.38 12.68 -5.58
N LEU A 49 4.60 13.10 -4.59
CA LEU A 49 3.15 13.07 -4.67
C LEU A 49 2.75 14.07 -5.74
N SER A 50 1.68 13.77 -6.50
CA SER A 50 1.26 14.66 -7.55
C SER A 50 0.92 16.04 -6.98
N ASN A 51 0.35 16.09 -5.77
CA ASN A 51 0.18 17.30 -4.96
C ASN A 51 1.49 18.10 -4.89
N GLY A 52 2.63 17.41 -4.95
CA GLY A 52 3.93 18.07 -4.99
C GLY A 52 4.44 18.34 -3.59
N LYS A 53 3.87 17.65 -2.59
CA LYS A 53 4.03 18.04 -1.19
C LYS A 53 5.10 17.21 -0.48
N LYS A 54 5.52 16.07 -1.06
CA LYS A 54 6.69 15.30 -0.61
C LYS A 54 7.50 15.00 -1.86
N PHE A 55 8.84 14.93 -1.76
CA PHE A 55 9.77 14.85 -2.88
C PHE A 55 10.96 13.98 -2.50
N ASP A 56 11.21 12.90 -3.22
CA ASP A 56 12.14 11.85 -2.80
C ASP A 56 13.06 11.52 -3.96
N SER A 57 14.32 11.23 -3.65
CA SER A 57 15.32 11.10 -4.68
C SER A 57 16.38 10.06 -4.30
N SER A 58 16.72 9.22 -5.30
CA SER A 58 17.86 8.32 -5.22
C SER A 58 19.14 9.09 -4.91
N HIS A 59 19.22 10.35 -5.36
CA HIS A 59 20.43 11.16 -5.14
C HIS A 59 20.62 11.44 -3.64
N ASP A 60 19.52 11.54 -2.90
CA ASP A 60 19.55 11.51 -1.44
C ASP A 60 20.19 10.22 -0.91
N ARG A 61 20.23 9.13 -1.68
CA ARG A 61 20.97 7.93 -1.30
C ARG A 61 22.38 7.95 -1.89
N ASN A 62 22.71 8.97 -2.71
CA ASN A 62 24.01 9.11 -3.35
C ASN A 62 24.44 7.77 -3.96
N GLU A 63 23.52 7.09 -4.67
CA GLU A 63 23.76 5.76 -5.25
C GLU A 63 22.56 5.37 -6.11
N PRO A 64 22.72 4.51 -7.14
CA PRO A 64 21.58 4.05 -7.92
C PRO A 64 20.66 3.14 -7.11
N PHE A 65 19.38 3.12 -7.48
CA PHE A 65 18.39 2.26 -6.87
C PHE A 65 18.30 0.98 -7.71
N VAL A 66 18.38 -0.17 -7.03
CA VAL A 66 18.55 -1.44 -7.73
C VAL A 66 17.38 -2.34 -7.32
N PHE A 67 16.80 -3.03 -8.30
CA PHE A 67 15.75 -4.01 -8.04
C PHE A 67 15.64 -4.98 -9.21
N SER A 68 14.92 -6.09 -8.97
CA SER A 68 14.68 -7.14 -9.96
C SER A 68 13.31 -6.87 -10.56
N LEU A 69 13.26 -6.72 -11.87
CA LEU A 69 12.05 -6.32 -12.55
C LEU A 69 11.00 -7.41 -12.55
N GLY A 70 9.76 -6.95 -12.27
CA GLY A 70 8.55 -7.72 -12.39
C GLY A 70 8.39 -8.77 -11.29
N LYS A 71 9.09 -8.58 -10.16
CA LYS A 71 9.10 -9.47 -9.02
C LYS A 71 8.33 -8.81 -7.87
N GLY A 72 7.62 -7.71 -8.15
CA GLY A 72 6.85 -6.97 -7.15
C GLY A 72 7.71 -6.41 -6.00
N GLN A 73 9.00 -6.13 -6.24
CA GLN A 73 9.85 -5.52 -5.23
C GLN A 73 9.65 -4.00 -5.24
N VAL A 74 8.84 -3.50 -6.18
CA VAL A 74 8.53 -2.08 -6.31
C VAL A 74 7.04 -1.98 -6.65
N ILE A 75 6.48 -0.75 -6.69
CA ILE A 75 5.06 -0.66 -6.98
C ILE A 75 4.84 -1.16 -8.39
N LYS A 76 3.59 -1.60 -8.68
CA LYS A 76 3.21 -2.13 -10.00
C LYS A 76 3.64 -1.20 -11.11
N ALA A 77 3.43 0.12 -10.94
CA ALA A 77 3.73 1.09 -12.01
C ALA A 77 5.20 1.07 -12.42
N TRP A 78 6.11 0.83 -11.50
CA TRP A 78 7.51 0.73 -11.85
C TRP A 78 7.81 -0.56 -12.61
N ASP A 79 7.27 -1.71 -12.13
CA ASP A 79 7.41 -2.97 -12.82
C ASP A 79 6.95 -2.82 -14.28
N ILE A 80 5.83 -2.13 -14.48
CA ILE A 80 5.26 -1.87 -15.80
C ILE A 80 6.11 -0.87 -16.56
N GLY A 81 6.42 0.26 -15.89
CA GLY A 81 7.08 1.39 -16.55
C GLY A 81 8.52 1.12 -16.96
N VAL A 82 9.32 0.56 -16.06
CA VAL A 82 10.72 0.38 -16.31
C VAL A 82 10.88 -0.71 -17.37
N ALA A 83 9.93 -1.65 -17.49
CA ALA A 83 9.97 -2.72 -18.48
C ALA A 83 9.91 -2.11 -19.88
N THR A 84 9.34 -0.89 -20.03
CA THR A 84 9.20 -0.23 -21.32
C THR A 84 10.47 0.59 -21.67
N MET A 85 11.46 0.70 -20.79
CA MET A 85 12.52 1.68 -20.99
C MET A 85 13.80 1.04 -21.57
N LYS A 86 14.55 1.85 -22.33
CA LYS A 86 15.86 1.47 -22.84
C LYS A 86 16.97 2.04 -21.96
N LYS A 87 18.16 1.41 -21.96
CA LYS A 87 19.31 1.88 -21.19
C LYS A 87 19.61 3.30 -21.63
N GLY A 88 19.72 4.21 -20.65
CA GLY A 88 20.01 5.61 -20.88
C GLY A 88 18.77 6.49 -21.01
N GLU A 89 17.60 5.85 -21.18
CA GLU A 89 16.34 6.57 -21.26
C GLU A 89 16.01 7.29 -19.95
N ILE A 90 15.39 8.47 -20.10
CA ILE A 90 14.76 9.17 -18.98
C ILE A 90 13.30 9.32 -19.33
N ALA A 91 12.43 8.96 -18.36
CA ALA A 91 11.00 9.06 -18.58
C ALA A 91 10.31 9.67 -17.36
N HIS A 92 9.18 10.28 -17.66
CA HIS A 92 8.23 10.72 -16.65
C HIS A 92 7.07 9.73 -16.57
N LEU A 93 6.67 9.32 -15.35
CA LEU A 93 5.49 8.48 -15.12
C LEU A 93 4.55 9.22 -14.18
N LEU A 94 3.27 9.14 -14.49
CA LEU A 94 2.22 9.58 -13.59
C LEU A 94 1.30 8.38 -13.31
N ILE A 95 0.98 8.17 -11.99
CA ILE A 95 0.56 6.87 -11.53
C ILE A 95 -0.66 6.99 -10.65
N LYS A 96 -1.76 6.38 -11.07
CA LYS A 96 -2.95 6.37 -10.22
C LYS A 96 -2.72 5.42 -9.06
N PRO A 97 -3.53 5.54 -7.98
CA PRO A 97 -3.30 4.75 -6.76
C PRO A 97 -3.34 3.26 -7.00
N GLU A 98 -4.13 2.79 -7.99
CA GLU A 98 -4.24 1.37 -8.27
C GLU A 98 -2.92 0.73 -8.66
N TYR A 99 -1.98 1.52 -9.20
CA TYR A 99 -0.67 1.03 -9.62
C TYR A 99 0.43 1.50 -8.66
N ALA A 100 0.03 2.00 -7.47
CA ALA A 100 0.98 2.50 -6.49
C ALA A 100 0.53 1.95 -5.14
N TYR A 101 -0.02 2.79 -4.26
CA TYR A 101 -0.26 2.30 -2.88
C TYR A 101 -1.73 2.16 -2.51
N GLY A 102 -2.60 2.51 -3.47
CA GLY A 102 -4.00 2.08 -3.38
C GLY A 102 -4.78 2.85 -2.33
N SER A 103 -5.95 2.33 -1.97
CA SER A 103 -6.81 3.03 -1.03
C SER A 103 -6.23 2.90 0.37
N ALA A 104 -5.44 1.86 0.61
CA ALA A 104 -4.84 1.70 1.92
C ALA A 104 -3.76 2.74 2.17
N GLY A 105 -3.03 3.08 1.11
CA GLY A 105 -1.90 3.98 1.23
C GLY A 105 -0.71 3.29 1.89
N SER A 106 0.21 4.11 2.38
CA SER A 106 1.37 3.63 3.11
C SER A 106 1.87 4.75 4.01
N LEU A 107 1.17 4.92 5.15
CA LEU A 107 1.44 6.04 6.02
C LEU A 107 2.71 5.75 6.81
N PRO A 108 3.43 6.79 7.26
CA PRO A 108 3.06 8.19 7.03
C PRO A 108 3.42 8.78 5.66
N LYS A 109 4.24 8.09 4.87
CA LYS A 109 4.74 8.69 3.64
C LYS A 109 3.63 8.91 2.62
N ILE A 110 2.75 7.95 2.46
CA ILE A 110 1.82 7.99 1.34
C ILE A 110 0.39 7.93 1.84
N PRO A 111 -0.43 8.98 1.60
CA PRO A 111 -1.85 8.93 1.97
C PRO A 111 -2.67 7.97 1.12
N SER A 112 -3.89 7.73 1.57
CA SER A 112 -4.85 6.94 0.83
C SER A 112 -5.06 7.61 -0.53
N ASN A 113 -5.11 6.78 -1.57
CA ASN A 113 -5.57 7.18 -2.90
C ASN A 113 -4.65 8.24 -3.51
N ALA A 114 -3.33 8.09 -3.28
CA ALA A 114 -2.35 9.07 -3.76
C ALA A 114 -1.98 8.81 -5.24
N THR A 115 -1.95 9.88 -6.01
CA THR A 115 -1.34 9.85 -7.35
C THR A 115 0.12 10.27 -7.21
N LEU A 116 1.03 9.51 -7.82
CA LEU A 116 2.48 9.71 -7.73
C LEU A 116 3.03 10.13 -9.09
N PHE A 117 4.11 10.91 -9.07
CA PHE A 117 4.86 11.28 -10.26
C PHE A 117 6.34 10.92 -10.06
N PHE A 118 6.94 10.37 -11.11
CA PHE A 118 8.36 10.12 -11.10
C PHE A 118 9.04 10.58 -12.39
N GLU A 119 10.29 11.02 -12.20
CA GLU A 119 11.27 11.05 -13.30
C GLU A 119 12.27 9.94 -13.01
N ILE A 120 12.42 9.04 -13.99
CA ILE A 120 13.28 7.88 -13.85
C ILE A 120 14.29 7.88 -14.99
N GLU A 121 15.56 7.64 -14.63
CA GLU A 121 16.58 7.32 -15.61
C GLU A 121 17.02 5.87 -15.44
N LEU A 122 16.90 5.09 -16.51
CA LEU A 122 17.38 3.72 -16.56
C LEU A 122 18.86 3.70 -16.91
N LEU A 123 19.69 3.30 -15.94
CA LEU A 123 21.15 3.35 -16.10
C LEU A 123 21.63 2.06 -16.77
N ASP A 124 21.16 0.92 -16.26
CA ASP A 124 21.57 -0.37 -16.81
C ASP A 124 20.59 -1.46 -16.39
N PHE A 125 20.63 -2.59 -17.12
CA PHE A 125 19.95 -3.80 -16.69
C PHE A 125 20.74 -5.02 -17.13
N LYS A 126 20.70 -6.06 -16.29
CA LYS A 126 21.53 -7.26 -16.42
C LYS A 126 20.66 -8.48 -16.13
N GLY A 127 20.90 -9.59 -16.85
CA GLY A 127 20.18 -10.83 -16.61
C GLY A 127 20.50 -11.40 -15.23
N GLU A 128 19.53 -12.08 -14.62
CA GLU A 128 19.73 -12.74 -13.35
C GLU A 128 20.77 -13.87 -13.54
N GLY B 1 -20.06 1.49 24.84
CA GLY B 1 -20.10 0.12 24.30
C GLY B 1 -18.71 -0.39 23.91
N ALA B 2 -18.66 -1.17 22.84
CA ALA B 2 -17.46 -1.91 22.47
C ALA B 2 -16.26 -0.97 22.30
N PRO B 3 -16.35 0.14 21.55
CA PRO B 3 -15.22 1.05 21.42
C PRO B 3 -14.68 1.55 22.77
N ALA B 4 -15.56 1.93 23.69
CA ALA B 4 -15.13 2.44 24.98
C ALA B 4 -14.42 1.35 25.77
N THR B 5 -14.91 0.11 25.65
CA THR B 5 -14.34 -0.97 26.44
C THR B 5 -12.90 -1.12 25.95
N VAL B 6 -12.69 -0.99 24.65
CA VAL B 6 -11.33 -1.12 24.12
C VAL B 6 -10.45 0.04 24.59
N THR B 7 -10.97 1.27 24.62
CA THR B 7 -10.25 2.42 25.15
C THR B 7 -9.81 2.12 26.58
N GLU B 8 -10.70 1.57 27.39
CA GLU B 8 -10.39 1.36 28.81
C GLU B 8 -9.49 0.15 29.05
N GLN B 9 -9.69 -0.94 28.30
CA GLN B 9 -9.11 -2.23 28.68
C GLN B 9 -8.20 -2.83 27.61
N GLY B 10 -8.21 -2.25 26.42
CA GLY B 10 -7.50 -2.89 25.32
C GLY B 10 -6.00 -2.80 25.55
N GLU B 11 -5.31 -3.81 25.03
CA GLU B 11 -3.86 -3.87 25.06
C GLU B 11 -3.29 -3.03 23.91
N ASP B 12 -2.28 -2.22 24.22
CA ASP B 12 -1.57 -1.45 23.20
C ASP B 12 -0.63 -2.37 22.44
N ILE B 13 -0.96 -2.67 21.17
CA ILE B 13 -0.12 -3.60 20.44
C ILE B 13 0.81 -2.87 19.47
N THR B 14 1.01 -1.54 19.59
CA THR B 14 2.00 -0.80 18.81
C THR B 14 3.41 -1.00 19.37
N SER B 15 4.40 -1.05 18.47
CA SER B 15 5.82 -1.05 18.84
C SER B 15 6.19 0.21 19.60
N LYS B 16 5.69 1.33 19.10
CA LYS B 16 5.94 2.64 19.70
C LYS B 16 5.24 2.85 21.04
N LYS B 17 4.26 2.03 21.41
CA LYS B 17 3.52 2.20 22.65
C LYS B 17 2.84 3.57 22.68
N ASP B 18 2.20 3.92 21.56
CA ASP B 18 1.49 5.19 21.45
C ASP B 18 -0.04 5.00 21.48
N ARG B 19 -0.52 3.82 21.92
CA ARG B 19 -1.94 3.51 22.03
C ARG B 19 -2.65 3.67 20.67
N GLY B 20 -1.90 3.63 19.58
CA GLY B 20 -2.48 3.86 18.26
C GLY B 20 -3.35 2.71 17.80
N VAL B 21 -3.08 1.52 18.32
CA VAL B 21 -3.84 0.33 17.99
C VAL B 21 -4.05 -0.46 19.29
N LEU B 22 -5.33 -0.52 19.75
CA LEU B 22 -5.73 -1.19 20.95
C LEU B 22 -6.57 -2.42 20.63
N LYS B 23 -6.29 -3.53 21.31
CA LYS B 23 -6.90 -4.83 21.04
C LYS B 23 -7.50 -5.47 22.29
N ILE B 24 -8.68 -6.08 22.12
CA ILE B 24 -9.21 -7.07 23.04
C ILE B 24 -9.52 -8.33 22.25
N VAL B 25 -9.14 -9.46 22.83
CA VAL B 25 -9.53 -10.74 22.28
C VAL B 25 -10.96 -11.00 22.79
N LYS B 26 -11.90 -11.22 21.86
CA LYS B 26 -13.28 -11.53 22.24
C LYS B 26 -13.49 -13.03 22.36
N ARG B 27 -12.93 -13.80 21.41
CA ARG B 27 -13.04 -15.24 21.41
C ARG B 27 -11.68 -15.83 21.07
N VAL B 28 -11.18 -16.73 21.91
CA VAL B 28 -9.82 -17.24 21.74
C VAL B 28 -9.80 -18.19 20.53
N GLY B 29 -8.69 -18.18 19.78
CA GLY B 29 -8.49 -19.08 18.66
C GLY B 29 -7.77 -20.36 19.06
N ASN B 30 -7.34 -21.11 18.03
CA ASN B 30 -6.84 -22.47 18.17
C ASN B 30 -5.35 -22.49 17.83
N GLY B 31 -4.59 -23.22 18.65
CA GLY B 31 -3.17 -23.43 18.42
C GLY B 31 -2.38 -22.20 18.85
N GLU B 32 -1.11 -22.16 18.45
CA GLU B 32 -0.18 -21.14 18.90
C GLU B 32 0.17 -20.22 17.73
N GLU B 33 0.11 -20.72 16.49
CA GLU B 33 0.64 -20.04 15.32
C GLU B 33 -0.18 -18.80 14.96
N THR B 34 0.52 -17.68 14.76
CA THR B 34 -0.05 -16.46 14.21
C THR B 34 0.60 -16.21 12.86
N PRO B 35 -0.04 -15.51 11.93
CA PRO B 35 0.48 -15.41 10.58
C PRO B 35 1.75 -14.57 10.46
N MET B 36 2.52 -14.92 9.46
CA MET B 36 3.79 -14.28 9.15
C MET B 36 3.52 -13.31 8.02
N ILE B 37 4.40 -12.31 7.91
CA ILE B 37 4.36 -11.43 6.77
C ILE B 37 4.41 -12.25 5.50
N GLY B 38 3.53 -11.88 4.56
CA GLY B 38 3.37 -12.53 3.27
C GLY B 38 2.31 -13.63 3.25
N ASP B 39 1.81 -14.07 4.42
CA ASP B 39 0.82 -15.15 4.45
C ASP B 39 -0.46 -14.60 3.88
N LYS B 40 -1.22 -15.50 3.24
CA LYS B 40 -2.53 -15.15 2.74
C LYS B 40 -3.49 -15.34 3.91
N VAL B 41 -4.27 -14.31 4.24
CA VAL B 41 -5.10 -14.40 5.43
C VAL B 41 -6.58 -14.17 5.04
N TYR B 42 -7.43 -14.91 5.74
CA TYR B 42 -8.87 -14.92 5.48
C TYR B 42 -9.60 -14.49 6.75
N VAL B 43 -10.46 -13.47 6.65
CA VAL B 43 -11.17 -12.97 7.82
C VAL B 43 -12.63 -12.66 7.47
N HIS B 44 -13.47 -12.61 8.50
CA HIS B 44 -14.72 -11.87 8.50
C HIS B 44 -14.53 -10.65 9.38
N TYR B 45 -15.16 -9.52 9.04
CA TYR B 45 -15.09 -8.34 9.88
C TYR B 45 -16.34 -7.45 9.74
N LYS B 46 -16.50 -6.61 10.77
CA LYS B 46 -17.42 -5.50 10.79
C LYS B 46 -16.62 -4.29 11.27
N GLY B 47 -16.84 -3.16 10.60
CA GLY B 47 -16.11 -1.96 10.91
C GLY B 47 -17.00 -0.74 10.96
N LYS B 48 -16.55 0.27 11.68
CA LYS B 48 -17.25 1.53 11.70
C LYS B 48 -16.34 2.67 12.12
N LEU B 49 -16.81 3.88 11.81
CA LEU B 49 -16.20 5.06 12.38
C LEU B 49 -16.55 5.09 13.86
N SER B 50 -15.66 5.69 14.66
CA SER B 50 -15.95 5.93 16.07
C SER B 50 -17.26 6.70 16.24
N ASN B 51 -17.50 7.67 15.36
CA ASN B 51 -18.78 8.36 15.22
C ASN B 51 -19.96 7.39 15.16
N GLY B 52 -19.71 6.19 14.60
CA GLY B 52 -20.72 5.18 14.35
C GLY B 52 -21.50 5.49 13.08
N LYS B 53 -20.93 6.37 12.23
CA LYS B 53 -21.73 7.11 11.26
C LYS B 53 -21.66 6.45 9.87
N LYS B 54 -20.59 5.66 9.63
CA LYS B 54 -20.50 4.73 8.53
C LYS B 54 -20.17 3.38 9.16
N PHE B 55 -20.69 2.31 8.56
CA PHE B 55 -20.56 0.94 9.00
C PHE B 55 -20.30 0.08 7.76
N ASP B 56 -19.43 -0.90 7.88
CA ASP B 56 -19.04 -1.79 6.80
C ASP B 56 -18.98 -3.23 7.31
N SER B 57 -19.31 -4.20 6.44
CA SER B 57 -19.25 -5.61 6.80
C SER B 57 -18.85 -6.52 5.62
N SER B 58 -17.89 -7.42 5.87
CA SER B 58 -17.63 -8.58 5.01
C SER B 58 -18.90 -9.43 4.88
N HIS B 59 -19.67 -9.55 5.96
CA HIS B 59 -20.89 -10.34 5.94
C HIS B 59 -21.82 -9.85 4.82
N ASP B 60 -21.62 -8.61 4.35
CA ASP B 60 -22.32 -8.07 3.19
C ASP B 60 -22.14 -8.89 1.92
N ARG B 61 -21.00 -9.55 1.68
CA ARG B 61 -20.96 -10.48 0.54
C ARG B 61 -21.06 -11.92 1.05
N ASN B 62 -21.28 -12.09 2.37
CA ASN B 62 -21.31 -13.41 3.01
C ASN B 62 -20.10 -14.21 2.54
N GLU B 63 -18.95 -13.51 2.38
CA GLU B 63 -17.74 -14.12 1.86
C GLU B 63 -16.54 -13.51 2.59
N PRO B 64 -15.47 -14.29 2.82
CA PRO B 64 -14.37 -13.77 3.59
C PRO B 64 -13.65 -12.65 2.85
N PHE B 65 -12.97 -11.79 3.63
CA PHE B 65 -12.10 -10.77 3.07
C PHE B 65 -10.67 -11.31 3.12
N VAL B 66 -9.97 -11.24 2.00
CA VAL B 66 -8.73 -12.00 1.82
C VAL B 66 -7.64 -10.98 1.55
N PHE B 67 -6.49 -11.15 2.20
CA PHE B 67 -5.38 -10.24 1.88
C PHE B 67 -4.08 -10.87 2.34
N SER B 68 -2.99 -10.32 1.80
CA SER B 68 -1.62 -10.75 2.11
C SER B 68 -1.08 -9.87 3.21
N LEU B 69 -0.76 -10.50 4.33
CA LEU B 69 -0.38 -9.78 5.54
C LEU B 69 0.98 -9.08 5.39
N GLY B 70 0.97 -7.84 5.83
CA GLY B 70 2.17 -7.05 6.03
C GLY B 70 2.70 -6.47 4.72
N LYS B 71 1.86 -6.40 3.66
CA LYS B 71 2.21 -5.84 2.37
C LYS B 71 1.60 -4.44 2.22
N GLY B 72 0.93 -3.93 3.22
CA GLY B 72 0.33 -2.61 3.14
C GLY B 72 -0.88 -2.60 2.20
N GLN B 73 -1.48 -3.78 1.99
CA GLN B 73 -2.71 -3.97 1.23
C GLN B 73 -3.91 -3.50 2.06
N VAL B 74 -3.70 -3.27 3.36
CA VAL B 74 -4.74 -2.79 4.27
C VAL B 74 -4.11 -1.71 5.14
N ILE B 75 -4.90 -0.95 5.91
CA ILE B 75 -4.32 0.07 6.78
C ILE B 75 -3.35 -0.59 7.75
N LYS B 76 -2.41 0.18 8.26
CA LYS B 76 -1.27 -0.30 9.05
C LYS B 76 -1.82 -1.04 10.26
N ALA B 77 -2.92 -0.53 10.87
CA ALA B 77 -3.53 -1.15 12.04
C ALA B 77 -3.94 -2.62 11.80
N TRP B 78 -4.40 -2.93 10.57
CA TRP B 78 -4.71 -4.32 10.28
C TRP B 78 -3.48 -5.19 10.14
N ASP B 79 -2.44 -4.68 9.44
CA ASP B 79 -1.19 -5.39 9.32
C ASP B 79 -0.62 -5.72 10.71
N ILE B 80 -0.73 -4.77 11.63
CA ILE B 80 -0.26 -4.95 13.01
C ILE B 80 -1.18 -5.92 13.78
N GLY B 81 -2.48 -5.68 13.67
CA GLY B 81 -3.51 -6.34 14.49
C GLY B 81 -3.76 -7.80 14.10
N VAL B 82 -3.95 -8.04 12.81
CA VAL B 82 -4.23 -9.38 12.31
C VAL B 82 -2.99 -10.27 12.52
N ALA B 83 -1.77 -9.70 12.51
CA ALA B 83 -0.55 -10.47 12.75
C ALA B 83 -0.53 -11.07 14.14
N THR B 84 -1.23 -10.44 15.11
CA THR B 84 -1.29 -10.94 16.48
C THR B 84 -2.33 -12.05 16.68
N MET B 85 -3.12 -12.40 15.65
CA MET B 85 -4.26 -13.26 15.87
C MET B 85 -4.03 -14.72 15.50
N LYS B 86 -4.75 -15.61 16.20
CA LYS B 86 -4.74 -17.04 15.93
C LYS B 86 -5.94 -17.46 15.09
N LYS B 87 -5.83 -18.61 14.39
CA LYS B 87 -6.92 -19.14 13.58
C LYS B 87 -8.11 -19.35 14.51
N GLY B 88 -9.28 -18.82 14.14
CA GLY B 88 -10.49 -18.97 14.94
C GLY B 88 -10.73 -17.81 15.91
N GLU B 89 -9.70 -16.98 16.16
CA GLU B 89 -9.80 -15.85 17.07
C GLU B 89 -10.74 -14.78 16.51
N ILE B 90 -11.48 -14.15 17.44
CA ILE B 90 -12.24 -12.94 17.14
C ILE B 90 -11.72 -11.86 18.07
N ALA B 91 -11.41 -10.67 17.51
CA ALA B 91 -10.83 -9.58 18.27
C ALA B 91 -11.48 -8.24 17.89
N HIS B 92 -11.42 -7.32 18.84
CA HIS B 92 -11.79 -5.95 18.58
C HIS B 92 -10.53 -5.08 18.50
N LEU B 93 -10.52 -4.14 17.57
CA LEU B 93 -9.47 -3.16 17.43
C LEU B 93 -10.09 -1.77 17.47
N LEU B 94 -9.45 -0.87 18.22
CA LEU B 94 -9.71 0.54 18.13
C LEU B 94 -8.41 1.25 17.66
N ILE B 95 -8.54 2.15 16.68
CA ILE B 95 -7.41 2.60 15.86
C ILE B 95 -7.39 4.12 15.71
N LYS B 96 -6.31 4.76 16.16
CA LYS B 96 -6.14 6.17 15.94
C LYS B 96 -5.80 6.45 14.47
N PRO B 97 -6.03 7.69 14.01
CA PRO B 97 -5.92 8.03 12.59
C PRO B 97 -4.53 7.75 12.01
N GLU B 98 -3.49 7.84 12.84
CA GLU B 98 -2.14 7.63 12.37
C GLU B 98 -1.93 6.21 11.87
N TYR B 99 -2.68 5.22 12.36
CA TYR B 99 -2.60 3.84 11.92
C TYR B 99 -3.72 3.44 10.93
N ALA B 100 -4.45 4.42 10.44
CA ALA B 100 -5.62 4.16 9.58
C ALA B 100 -5.47 5.11 8.39
N TYR B 101 -6.30 6.16 8.30
CA TYR B 101 -6.27 7.01 7.12
C TYR B 101 -5.74 8.42 7.41
N GLY B 102 -5.25 8.71 8.63
CA GLY B 102 -4.43 9.90 8.87
C GLY B 102 -5.15 11.24 8.81
N SER B 103 -4.36 12.31 8.62
CA SER B 103 -4.90 13.66 8.60
C SER B 103 -5.61 13.89 7.27
N ALA B 104 -5.10 13.21 6.24
CA ALA B 104 -5.63 13.37 4.92
C ALA B 104 -6.99 12.70 4.83
N GLY B 105 -7.16 11.61 5.56
CA GLY B 105 -8.38 10.84 5.43
C GLY B 105 -8.41 10.05 4.14
N SER B 106 -9.64 9.68 3.74
CA SER B 106 -9.86 8.97 2.52
C SER B 106 -11.27 9.34 2.09
N LEU B 107 -11.39 10.60 1.73
CA LEU B 107 -12.67 11.18 1.41
C LEU B 107 -13.18 10.68 0.07
N PRO B 108 -14.52 10.56 -0.07
CA PRO B 108 -15.46 10.97 0.96
C PRO B 108 -15.75 9.93 2.06
N LYS B 109 -15.30 8.71 1.93
CA LYS B 109 -15.72 7.63 2.81
C LYS B 109 -15.16 7.84 4.22
N ILE B 110 -13.89 8.27 4.33
CA ILE B 110 -13.31 8.42 5.64
C ILE B 110 -12.90 9.87 5.83
N PRO B 111 -13.42 10.55 6.88
CA PRO B 111 -12.98 11.89 7.22
C PRO B 111 -11.55 11.96 7.75
N SER B 112 -11.08 13.20 7.73
CA SER B 112 -9.83 13.61 8.31
C SER B 112 -9.84 13.19 9.77
N ASN B 113 -8.73 12.61 10.22
CA ASN B 113 -8.44 12.40 11.62
C ASN B 113 -9.45 11.44 12.26
N ALA B 114 -9.84 10.39 11.49
CA ALA B 114 -10.86 9.46 11.94
C ALA B 114 -10.29 8.32 12.78
N THR B 115 -10.95 8.03 13.90
CA THR B 115 -10.70 6.85 14.69
C THR B 115 -11.65 5.76 14.20
N LEU B 116 -11.13 4.55 14.01
CA LEU B 116 -11.86 3.43 13.47
C LEU B 116 -11.97 2.32 14.49
N PHE B 117 -13.07 1.55 14.40
CA PHE B 117 -13.26 0.36 15.20
C PHE B 117 -13.54 -0.83 14.27
N PHE B 118 -12.97 -1.98 14.62
CA PHE B 118 -13.32 -3.23 13.94
C PHE B 118 -13.53 -4.38 14.89
N GLU B 119 -14.42 -5.28 14.45
CA GLU B 119 -14.47 -6.63 14.98
C GLU B 119 -13.99 -7.51 13.85
N ILE B 120 -12.99 -8.37 14.15
CA ILE B 120 -12.33 -9.21 13.15
C ILE B 120 -12.33 -10.64 13.64
N GLU B 121 -12.67 -11.56 12.74
CA GLU B 121 -12.53 -12.99 12.98
C GLU B 121 -11.50 -13.52 11.99
N LEU B 122 -10.43 -14.14 12.51
CA LEU B 122 -9.43 -14.78 11.68
C LEU B 122 -9.87 -16.20 11.37
N LEU B 123 -10.23 -16.43 10.11
CA LEU B 123 -10.81 -17.70 9.71
C LEU B 123 -9.71 -18.72 9.38
N ASP B 124 -8.71 -18.24 8.63
CA ASP B 124 -7.63 -19.10 8.19
C ASP B 124 -6.46 -18.24 7.70
N PHE B 125 -5.26 -18.85 7.68
CA PHE B 125 -4.12 -18.27 6.97
C PHE B 125 -3.24 -19.38 6.40
N LYS B 126 -2.68 -19.11 5.22
CA LYS B 126 -1.92 -20.07 4.43
C LYS B 126 -0.65 -19.37 3.91
N GLY B 127 0.43 -20.14 3.75
CA GLY B 127 1.69 -19.59 3.30
C GLY B 127 1.60 -19.16 1.84
N GLU B 128 2.35 -18.11 1.48
CA GLU B 128 2.44 -17.69 0.10
C GLU B 128 3.20 -18.79 -0.67
C4 A1I54 C . 9.16 5.76 -1.36
C14 A1I54 C . 9.83 -0.12 -2.65
C5 A1I54 C . 10.39 5.99 -0.76
C6 A1I54 C . 10.67 5.48 0.49
C11 A1I54 C . 10.05 1.48 1.09
C7 A1I54 C . 12.98 6.05 0.30
C8 A1I54 C . 9.69 4.82 1.20
C9 A1I54 C . 10.82 3.25 2.75
C10 A1I54 C . 11.18 2.36 1.58
C12 A1I54 C . 8.72 1.42 -0.85
C13 A1I54 C . 8.75 0.87 -2.26
N1 A1I54 C . 9.12 4.37 -4.23
C3 A1I54 C . 8.16 5.11 -0.64
C1 A1I54 C . 6.22 3.75 0.95
O1 A1I54 C . 7.55 3.95 1.44
C2 A1I54 C . 8.42 4.66 0.65
O2 A1I54 C . 11.89 5.62 1.11
O3 A1I54 C . 9.84 4.26 2.47
O4 A1I54 C . 10.06 1.44 -0.36
O5 A1I54 C . 8.90 2.05 -3.10
C15 A1I54 C . 8.44 1.97 -4.37
O6 A1I54 C . 8.04 0.96 -4.86
C16 A1I54 C . 8.50 3.33 -5.09
C17 A1I54 C . 9.28 3.17 -6.39
C18 A1I54 C . 10.75 2.89 -6.10
C19 A1I54 C . 11.38 4.08 -5.38
C20 A1I54 C . 10.63 4.34 -4.04
C21 A1I54 C . 8.31 5.27 -3.62
O7 A1I54 C . 7.09 5.14 -3.70
C22 A1I54 C . 8.88 6.37 -2.72
C23 A1I54 C . 7.90 7.57 -2.64
C24 A1I54 C . 8.22 8.59 -1.54
C25 A1I54 C . 7.40 9.91 -1.60
C26 A1I54 C . 7.13 10.49 -2.97
C27 A1I54 C . 6.80 9.43 -3.97
C28 A1I54 C . 7.83 8.29 -3.97
H18 A1I54 C . 9.57 -0.58 -3.47
H19 A1I54 C . 9.94 -0.77 -1.93
H20 A1I54 C . 10.67 0.35 -2.80
H5 A1I54 C . 11.07 6.44 -1.26
H14 A1I54 C . 10.16 0.57 1.44
H13 A1I54 C . 9.20 1.85 1.42
H7 A1I54 C . 13.80 5.99 0.81
H8 A1I54 C . 12.84 6.97 0.04
H6 A1I54 C . 13.05 5.50 -0.49
H10 A1I54 C . 11.64 3.70 3.08
H9 A1I54 C . 10.49 2.69 3.49
H12 A1I54 C . 11.50 2.92 0.84
H11 A1I54 C . 11.93 1.79 1.85
H16 A1I54 C . 8.15 0.87 -0.28
H15 A1I54 C . 8.35 2.33 -0.85
H17 A1I54 C . 7.86 0.46 -2.45
H4 A1I54 C . 7.31 5.01 -1.02
H2 A1I54 C . 5.70 3.28 1.62
H3 A1I54 C . 6.25 3.22 0.14
H1 A1I54 C . 5.81 4.60 0.77
H21 A1I54 C . 7.56 3.61 -5.30
H23 A1I54 C . 8.89 2.43 -6.92
H22 A1I54 C . 9.19 3.99 -6.93
H24 A1I54 C . 11.23 2.73 -6.95
H25 A1I54 C . 10.84 2.08 -5.56
H26 A1I54 C . 11.33 4.88 -5.94
H27 A1I54 C . 12.32 3.89 -5.19
H28 A1I54 C . 10.93 5.20 -3.67
H29 A1I54 C . 10.85 3.63 -3.39
H30 A1I54 C . 9.74 6.68 -3.10
H31 A1I54 C . 6.99 7.21 -2.45
H32 A1I54 C . 9.17 8.81 -1.59
H33 A1I54 C . 8.07 8.17 -0.67
H35 A1I54 C . 6.54 9.75 -1.16
H34 A1I54 C . 7.88 10.59 -1.08
H37 A1I54 C . 6.37 11.11 -2.91
H36 A1I54 C . 7.91 11.00 -3.28
H39 A1I54 C . 5.91 9.06 -3.79
H38 A1I54 C . 6.78 9.84 -4.87
H40 A1I54 C . 8.71 8.67 -4.19
H41 A1I54 C . 7.60 7.66 -4.68
C4 A1I54 D . -13.36 0.39 4.08
C14 A1I54 D . -8.24 -2.02 1.88
C5 A1I54 D . -14.26 -0.30 3.28
C6 A1I54 D . -14.41 0.07 1.95
C11 A1I54 D . -10.99 -0.07 -0.24
C7 A1I54 D . -15.64 -1.89 1.33
C8 A1I54 D . -13.70 1.15 1.43
C9 A1I54 D . -13.26 0.71 -0.94
C10 A1I54 D . -12.43 -0.45 -0.52
C12 A1I54 D . -9.54 0.08 1.48
C13 A1I54 D . -8.72 -0.70 2.46
N1 A1I54 D . -11.15 -1.25 5.66
C3 A1I54 D . -12.69 1.50 3.58
C1 A1I54 D . -11.35 3.75 2.43
O1 A1I54 D . -12.16 2.90 1.64
C2 A1I54 D . -12.80 1.85 2.23
O2 A1I54 D . -15.24 -0.55 1.04
O3 A1I54 D . -13.83 1.50 0.10
O4 A1I54 D . -10.54 -0.75 0.93
O5 A1I54 D . -9.52 -0.97 3.68
C15 A1I54 D . -8.83 -1.17 4.78
O6 A1I54 D . -7.64 -1.15 4.82
C16 A1I54 D . -9.72 -1.40 6.00
C17 A1I54 D . -9.37 -2.78 6.53
C18 A1I54 D . -9.85 -3.86 5.61
C19 A1I54 D . -11.33 -3.76 5.56
C20 A1I54 D . -11.74 -2.40 4.93
C21 A1I54 D . -11.76 -0.07 5.90
O7 A1I54 D . -11.14 0.93 6.26
C22 A1I54 D . -13.23 0.08 5.56
C23 A1I54 D . -13.85 1.22 6.41
C24 A1I54 D . -15.24 1.60 5.96
C25 A1I54 D . -16.03 2.61 6.85
C26 A1I54 D . -16.09 2.08 8.28
C27 A1I54 D . -14.72 1.83 8.71
C28 A1I54 D . -13.90 0.81 7.89
H18 A1I54 D . -7.51 -2.37 2.44
H19 A1I54 D . -7.91 -1.88 0.98
H20 A1I54 D . -8.97 -2.65 1.86
H5 A1I54 D . -14.76 -1.03 3.64
H14 A1I54 D . -10.43 -0.31 -1.00
H13 A1I54 D . -10.93 0.90 -0.10
H7 A1I54 D . -16.08 -2.27 0.54
H8 A1I54 D . -16.26 -1.90 2.07
H6 A1I54 D . -14.86 -2.42 1.54
H10 A1I54 D . -13.99 0.36 -1.51
H9 A1I54 D . -12.72 1.29 -1.51
H12 A1I54 D . -12.81 -0.85 0.29
H11 A1I54 D . -12.43 -1.12 -1.23
H16 A1I54 D . -8.97 0.44 0.78
H15 A1I54 D . -9.97 0.84 1.94
H17 A1I54 D . -7.93 -0.16 2.71
H4 A1I54 D . -12.09 1.97 4.13
H2 A1I54 D . -11.01 4.48 1.88
H3 A1I54 D . -10.60 3.25 2.80
H1 A1I54 D . -11.88 4.12 3.15
H21 A1I54 D . -9.49 -0.72 6.69
H23 A1I54 D . -8.39 -2.85 6.63
H22 A1I54 D . -9.78 -2.90 7.42
H24 A1I54 D . -9.58 -4.75 5.95
H25 A1I54 D . -9.47 -3.76 4.71
H26 A1I54 D . -11.71 -3.83 6.47
H27 A1I54 D . -11.70 -4.49 5.02
H28 A1I54 D . -12.71 -2.33 4.94
H29 A1I54 D . -11.44 -2.37 4.00
H30 A1I54 D . -13.70 -0.77 5.75
H31 A1I54 D . -13.27 2.02 6.32
H32 A1I54 D . -15.78 0.78 5.89
H33 A1I54 D . -15.19 1.97 5.06
H35 A1I54 D . -15.58 3.49 6.84
H34 A1I54 D . -16.94 2.73 6.50
H37 A1I54 D . -16.52 2.74 8.87
H36 A1I54 D . -16.62 1.25 8.31
H39 A1I54 D . -14.24 2.69 8.72
H38 A1I54 D . -14.76 1.52 9.65
H40 A1I54 D . -14.30 -0.08 7.97
H41 A1I54 D . -12.99 0.77 8.24
#